data_6PZ3
#
_entry.id   6PZ3
#
_cell.length_a   98.221
_cell.length_b   98.221
_cell.length_c   81.348
_cell.angle_alpha   90.000
_cell.angle_beta   90.000
_cell.angle_gamma   120.000
#
_symmetry.space_group_name_H-M   'P 61'
#
loop_
_entity.id
_entity.type
_entity.pdbx_description
1 polymer 'DNA polymerase eta'
2 polymer 'DNA Primer strand'
3 polymer 'DNA template containing cytarabine (AraC) residue'
4 non-polymer "2'-deoxy-5'-O-[(R)-hydroxy{[(R)-hydroxy(phosphonooxy)phosphoryl]amino}phosphoryl]guanosine"
5 non-polymer 'MAGNESIUM ION'
6 non-polymer GLYCEROL
7 water water
#
loop_
_entity_poly.entity_id
_entity_poly.type
_entity_poly.pdbx_seq_one_letter_code
_entity_poly.pdbx_strand_id
1 'polypeptide(L)'
;GPHMATGQDRVVALVDMDCFFVQVEQRQNPHLRNKPCAVVQYKSWKGGGIIAVSYEARAFGVTRSMWADDAKKLCPDLLL
AQVRESRGKANLTKYREASVEVMEIMSRFAVIERASIDEAYVDLTSAVQERLQKLQGQPISADLLPSTYIEGLPQGPTTA
EETVQKEGMRKQGLFQWLDSLQIDNLTSPDLQLTVGAVIVEEMRAAIERETGFQCSAGISHNKVLAKLACGLNKPNRQTL
VSHGSVPQLFSQMPIRKIRSLGGKLGASVIEILGIEYMGELTQFTESQLQSHFGEKNGSWLYAMCRGIEHDPVKPRQLPK
TIGCSKNFPGKTALATREQVQWWLLQLAQELEERLTKDRNDNDRVATQLVVSIRVQGDKRLSSLRRCCALTRYDAHKMSH
DAFTVIKNMNTSGIQTEWSPPLTMLFLCATKFSAS
;
A
2 'polydeoxyribonucleotide' (DA)(DG)(DC)(DA)(DC)(DT)(DG)(DT) P
3 'polydeoxyribonucleotide' (DC)(DA)(DT)(CAR)(DA)(DC)(DA)(DG)(DT)(DG)(DC)(DT) T
#
# COMPACT_ATOMS: atom_id res chain seq x y z
N MET A 4 0.03 15.27 21.59
CA MET A 4 -0.78 15.89 20.48
C MET A 4 -0.19 17.23 20.09
N ALA A 5 0.28 18.00 21.08
CA ALA A 5 1.02 19.22 20.78
C ALA A 5 2.29 18.89 20.01
N THR A 6 2.95 17.77 20.36
CA THR A 6 4.09 17.26 19.62
C THR A 6 3.72 16.07 18.74
N GLY A 7 2.43 15.83 18.54
CA GLY A 7 1.95 14.76 17.68
C GLY A 7 2.32 13.38 18.16
N GLN A 8 2.10 13.11 19.44
CA GLN A 8 2.48 11.84 20.06
C GLN A 8 1.30 11.20 20.79
N ASP A 9 0.08 11.53 20.37
CA ASP A 9 -1.11 11.03 21.05
C ASP A 9 -1.49 9.63 20.61
N ARG A 10 -1.16 9.23 19.39
CA ARG A 10 -1.59 7.95 18.83
C ARG A 10 -0.40 6.99 18.67
N VAL A 11 -0.73 5.72 18.62
CA VAL A 11 0.22 4.69 18.18
C VAL A 11 -0.35 4.11 16.89
N VAL A 12 0.36 4.34 15.79
CA VAL A 12 -0.09 3.93 14.46
C VAL A 12 0.92 3.00 13.84
N ALA A 13 0.44 1.97 13.17
CA ALA A 13 1.30 1.01 12.50
C ALA A 13 0.85 0.88 11.06
N LEU A 14 1.80 0.55 10.20
CA LEU A 14 1.53 0.23 8.81
C LEU A 14 2.18 -1.13 8.52
N VAL A 15 1.37 -2.11 8.13
CA VAL A 15 1.85 -3.44 7.81
C VAL A 15 1.84 -3.60 6.30
N ASP A 16 2.95 -4.06 5.73
CA ASP A 16 3.04 -4.25 4.30
C ASP A 16 3.57 -5.65 4.01
N MET A 17 2.82 -6.41 3.22
CA MET A 17 3.24 -7.77 2.89
C MET A 17 4.46 -7.70 1.98
N ASP A 18 5.48 -8.50 2.32
CA ASP A 18 6.69 -8.57 1.50
C ASP A 18 6.39 -9.25 0.17
N CYS A 19 6.80 -8.61 -0.93
CA CYS A 19 6.60 -9.10 -2.30
C CYS A 19 5.33 -9.95 -2.39
N PHE A 20 4.17 -9.31 -2.20
CA PHE A 20 2.97 -10.03 -1.81
C PHE A 20 2.55 -11.06 -2.85
N PHE A 21 2.38 -10.62 -4.10
CA PHE A 21 1.93 -11.56 -5.13
C PHE A 21 2.89 -12.73 -5.27
N VAL A 22 4.20 -12.49 -5.09
CA VAL A 22 5.17 -13.57 -5.11
C VAL A 22 4.92 -14.54 -3.97
N GLN A 23 4.75 -14.03 -2.74
CA GLN A 23 4.48 -14.90 -1.60
C GLN A 23 3.24 -15.76 -1.84
N VAL A 24 2.18 -15.17 -2.42
CA VAL A 24 0.97 -15.94 -2.71
C VAL A 24 1.28 -17.09 -3.66
N GLU A 25 2.06 -16.82 -4.71
CA GLU A 25 2.42 -17.87 -5.66
C GLU A 25 3.43 -18.84 -5.05
N GLN A 26 4.33 -18.35 -4.20
CA GLN A 26 5.30 -19.23 -3.56
C GLN A 26 4.64 -20.15 -2.54
N ARG A 27 3.60 -19.67 -1.86
CA ARG A 27 2.87 -20.58 -0.98
C ARG A 27 2.22 -21.70 -1.79
N GLN A 28 1.64 -21.35 -2.93
CA GLN A 28 0.95 -22.33 -3.76
C GLN A 28 1.91 -23.29 -4.46
N ASN A 29 3.06 -22.80 -4.91
CA ASN A 29 4.03 -23.62 -5.62
C ASN A 29 5.33 -23.64 -4.81
N PRO A 30 5.51 -24.65 -3.95
CA PRO A 30 6.73 -24.72 -3.13
C PRO A 30 8.04 -24.68 -3.93
N HIS A 31 8.02 -25.09 -5.20
CA HIS A 31 9.25 -25.03 -5.99
C HIS A 31 9.75 -23.61 -6.20
N LEU A 32 8.94 -22.59 -5.91
CA LEU A 32 9.36 -21.20 -6.09
C LEU A 32 9.94 -20.58 -4.82
N ARG A 33 9.87 -21.28 -3.70
CA ARG A 33 10.27 -20.69 -2.42
C ARG A 33 11.78 -20.51 -2.37
N ASN A 34 12.20 -19.38 -1.79
CA ASN A 34 13.62 -19.10 -1.56
C ASN A 34 14.42 -19.09 -2.85
N LYS A 35 13.77 -18.71 -3.94
CA LYS A 35 14.40 -18.58 -5.23
C LYS A 35 14.12 -17.20 -5.78
N PRO A 36 14.98 -16.70 -6.67
CA PRO A 36 14.64 -15.49 -7.42
C PRO A 36 13.42 -15.76 -8.29
N CYS A 37 12.37 -14.98 -8.07
CA CYS A 37 11.08 -15.26 -8.67
CA CYS A 37 11.16 -15.20 -8.83
C CYS A 37 10.34 -13.94 -8.84
N ALA A 38 9.47 -13.87 -9.83
CA ALA A 38 8.64 -12.71 -10.05
C ALA A 38 7.27 -13.19 -10.54
N VAL A 39 6.28 -12.31 -10.38
CA VAL A 39 4.95 -12.53 -10.92
C VAL A 39 4.79 -11.62 -12.13
N VAL A 40 4.17 -12.14 -13.17
CA VAL A 40 4.12 -11.55 -14.50
C VAL A 40 2.69 -11.65 -15.01
N GLN A 41 2.26 -10.65 -15.78
CA GLN A 41 0.99 -10.72 -16.50
C GLN A 41 1.20 -10.49 -18.00
N TYR A 42 0.62 -11.42 -18.78
CA TYR A 42 0.62 -11.53 -20.25
C TYR A 42 1.98 -11.88 -20.87
N LYS A 43 2.21 -13.17 -21.10
CA LYS A 43 3.50 -13.65 -21.63
C LYS A 43 3.82 -13.12 -23.03
N SER A 44 2.84 -12.65 -23.79
CA SER A 44 3.07 -12.45 -25.22
C SER A 44 4.03 -11.28 -25.48
N TRP A 45 3.86 -10.16 -24.78
CA TRP A 45 4.69 -8.98 -25.04
C TRP A 45 5.91 -9.03 -24.13
N LYS A 46 7.06 -9.36 -24.73
CA LYS A 46 8.36 -9.42 -24.06
C LYS A 46 8.31 -10.24 -22.77
N GLY A 47 7.65 -11.39 -22.84
CA GLY A 47 7.59 -12.29 -21.72
C GLY A 47 6.64 -11.89 -20.62
N GLY A 48 5.99 -10.74 -20.75
CA GLY A 48 5.08 -10.28 -19.72
C GLY A 48 5.66 -9.17 -18.87
N GLY A 49 4.78 -8.31 -18.37
CA GLY A 49 5.17 -7.23 -17.50
C GLY A 49 5.24 -7.70 -16.06
N ILE A 50 6.34 -7.36 -15.40
CA ILE A 50 6.59 -7.80 -14.03
C ILE A 50 5.88 -6.85 -13.08
N ILE A 51 5.09 -7.41 -12.17
CA ILE A 51 4.38 -6.62 -11.17
C ILE A 51 4.79 -6.95 -9.74
N ALA A 52 5.58 -7.99 -9.50
CA ALA A 52 6.04 -8.30 -8.15
C ALA A 52 7.31 -9.14 -8.25
N VAL A 53 8.26 -8.87 -7.36
CA VAL A 53 9.62 -9.39 -7.46
C VAL A 53 10.09 -9.86 -6.09
N SER A 54 10.45 -11.14 -5.98
CA SER A 54 11.02 -11.62 -4.73
C SER A 54 12.34 -10.88 -4.44
N TYR A 55 12.77 -10.93 -3.17
CA TYR A 55 13.99 -10.23 -2.76
C TYR A 55 15.24 -10.89 -3.32
N GLU A 56 15.24 -12.22 -3.49
CA GLU A 56 16.34 -12.88 -4.18
C GLU A 56 16.49 -12.33 -5.60
N ALA A 57 15.38 -12.03 -6.27
CA ALA A 57 15.44 -11.47 -7.62
C ALA A 57 15.83 -10.00 -7.62
N ARG A 58 15.41 -9.24 -6.60
CA ARG A 58 15.83 -7.85 -6.51
C ARG A 58 17.34 -7.72 -6.43
N ALA A 59 18.02 -8.66 -5.75
CA ALA A 59 19.46 -8.62 -5.64
C ALA A 59 20.15 -8.61 -7.00
N PHE A 60 19.49 -9.10 -8.05
CA PHE A 60 20.02 -9.04 -9.41
C PHE A 60 19.61 -7.78 -10.17
N GLY A 61 18.81 -6.91 -9.56
CA GLY A 61 18.34 -5.72 -10.24
C GLY A 61 16.99 -5.84 -10.91
N VAL A 62 16.28 -6.96 -10.73
CA VAL A 62 14.95 -7.12 -11.31
C VAL A 62 13.98 -6.21 -10.56
N THR A 63 13.17 -5.48 -11.31
CA THR A 63 12.24 -4.52 -10.72
C THR A 63 10.85 -4.71 -11.32
N ARG A 64 9.89 -4.20 -10.58
CA ARG A 64 8.53 -4.02 -11.06
C ARG A 64 8.54 -3.10 -12.29
N SER A 65 7.59 -3.33 -13.21
CA SER A 65 7.43 -2.50 -14.41
C SER A 65 8.54 -2.79 -15.41
N MET A 66 8.99 -4.03 -15.45
CA MET A 66 10.09 -4.44 -16.30
C MET A 66 9.59 -5.63 -17.11
N TRP A 67 9.92 -5.66 -18.40
CA TRP A 67 9.53 -6.80 -19.20
C TRP A 67 10.28 -8.05 -18.74
N ALA A 68 9.57 -9.18 -18.75
CA ALA A 68 10.17 -10.40 -18.23
C ALA A 68 11.38 -10.80 -19.04
N ASP A 69 11.35 -10.54 -20.36
CA ASP A 69 12.51 -10.87 -21.19
C ASP A 69 13.73 -10.08 -20.73
N ASP A 70 13.56 -8.80 -20.41
CA ASP A 70 14.67 -8.02 -19.91
C ASP A 70 15.08 -8.50 -18.51
N ALA A 71 14.11 -8.86 -17.68
CA ALA A 71 14.41 -9.39 -16.35
C ALA A 71 15.29 -10.63 -16.44
N LYS A 72 14.99 -11.52 -17.39
CA LYS A 72 15.77 -12.74 -17.56
C LYS A 72 17.20 -12.45 -18.02
N LYS A 73 17.44 -11.29 -18.64
CA LYS A 73 18.80 -10.90 -18.97
C LYS A 73 19.62 -10.59 -17.73
N LEU A 74 19.01 -9.94 -16.73
CA LEU A 74 19.70 -9.70 -15.48
C LEU A 74 19.81 -10.96 -14.63
N CYS A 75 18.76 -11.79 -14.63
CA CYS A 75 18.64 -12.92 -13.71
C CYS A 75 18.28 -14.14 -14.53
N PRO A 76 19.28 -14.87 -15.04
CA PRO A 76 18.97 -16.02 -15.92
C PRO A 76 18.20 -17.14 -15.23
N ASP A 77 18.40 -17.35 -13.94
CA ASP A 77 17.69 -18.37 -13.18
C ASP A 77 16.37 -17.86 -12.57
N LEU A 78 15.83 -16.77 -13.11
CA LEU A 78 14.61 -16.19 -12.57
C LEU A 78 13.41 -17.08 -12.89
N LEU A 79 12.62 -17.39 -11.89
CA LEU A 79 11.38 -18.12 -12.07
C LEU A 79 10.21 -17.15 -12.13
N LEU A 80 9.17 -17.53 -12.87
CA LEU A 80 8.04 -16.65 -13.16
C LEU A 80 6.73 -17.37 -12.91
N ALA A 81 5.85 -16.73 -12.16
CA ALA A 81 4.46 -17.16 -12.02
C ALA A 81 3.58 -16.19 -12.78
N GLN A 82 2.57 -16.72 -13.46
CA GLN A 82 1.69 -15.94 -14.31
C GLN A 82 0.40 -15.59 -13.60
N VAL A 83 -0.05 -14.35 -13.78
CA VAL A 83 -1.38 -13.95 -13.34
C VAL A 83 -2.41 -14.76 -14.11
N ARG A 84 -3.39 -15.30 -13.40
CA ARG A 84 -4.52 -15.96 -14.03
C ARG A 84 -5.16 -15.05 -15.08
N GLU A 85 -5.56 -15.64 -16.20
CA GLU A 85 -6.28 -14.92 -17.25
C GLU A 85 -7.66 -15.52 -17.38
N SER A 86 -8.68 -14.67 -17.43
CA SER A 86 -10.06 -15.11 -17.44
C SER A 86 -10.88 -14.15 -18.27
N ARG A 87 -11.63 -14.68 -19.24
CA ARG A 87 -12.42 -13.86 -20.16
C ARG A 87 -11.52 -12.86 -20.89
N GLY A 88 -10.34 -13.32 -21.30
CA GLY A 88 -9.45 -12.51 -22.10
C GLY A 88 -8.58 -11.53 -21.36
N LYS A 89 -8.61 -11.49 -20.03
CA LYS A 89 -7.91 -10.45 -19.29
C LYS A 89 -7.31 -11.01 -18.02
N ALA A 90 -6.37 -10.25 -17.47
CA ALA A 90 -5.79 -10.56 -16.18
C ALA A 90 -6.86 -10.56 -15.11
N ASN A 91 -6.78 -11.55 -14.21
CA ASN A 91 -7.75 -11.75 -13.13
C ASN A 91 -6.97 -11.89 -11.83
N LEU A 92 -7.19 -10.94 -10.90
CA LEU A 92 -6.40 -10.86 -9.67
C LEU A 92 -7.10 -11.49 -8.48
N THR A 93 -8.13 -12.31 -8.70
CA THR A 93 -8.96 -12.81 -7.62
C THR A 93 -8.14 -13.51 -6.55
N LYS A 94 -7.15 -14.30 -6.96
CA LYS A 94 -6.36 -15.06 -5.99
C LYS A 94 -5.66 -14.14 -4.99
N TYR A 95 -5.18 -12.98 -5.45
CA TYR A 95 -4.48 -12.07 -4.56
C TYR A 95 -5.46 -11.26 -3.73
N ARG A 96 -6.64 -10.95 -4.26
CA ARG A 96 -7.66 -10.30 -3.45
C ARG A 96 -8.11 -11.21 -2.31
N GLU A 97 -8.29 -12.50 -2.60
CA GLU A 97 -8.66 -13.44 -1.54
C GLU A 97 -7.55 -13.60 -0.52
N ALA A 98 -6.30 -13.70 -0.97
CA ALA A 98 -5.19 -13.79 -0.04
C ALA A 98 -5.11 -12.55 0.83
N SER A 99 -5.42 -11.39 0.26
CA SER A 99 -5.42 -10.14 1.01
C SER A 99 -6.48 -10.15 2.11
N VAL A 100 -7.65 -10.72 1.83
CA VAL A 100 -8.71 -10.84 2.83
C VAL A 100 -8.27 -11.74 3.98
N GLU A 101 -7.60 -12.87 3.69
CA GLU A 101 -7.03 -13.69 4.75
C GLU A 101 -6.26 -12.82 5.74
N VAL A 102 -5.39 -11.95 5.23
CA VAL A 102 -4.50 -11.19 6.09
C VAL A 102 -5.28 -10.12 6.85
N MET A 103 -6.10 -9.33 6.15
CA MET A 103 -6.87 -8.29 6.81
C MET A 103 -7.71 -8.85 7.96
N GLU A 104 -8.29 -10.03 7.76
CA GLU A 104 -9.16 -10.60 8.79
C GLU A 104 -8.37 -10.89 10.06
N ILE A 105 -7.14 -11.38 9.92
CA ILE A 105 -6.29 -11.62 11.09
C ILE A 105 -5.95 -10.29 11.78
N MET A 106 -5.59 -9.26 10.99
CA MET A 106 -5.23 -7.98 11.57
C MET A 106 -6.40 -7.35 12.33
N SER A 107 -7.63 -7.57 11.86
CA SER A 107 -8.82 -7.02 12.53
C SER A 107 -9.00 -7.57 13.93
N ARG A 108 -8.47 -8.78 14.21
CA ARG A 108 -8.56 -9.33 15.55
C ARG A 108 -7.83 -8.48 16.58
N PHE A 109 -6.88 -7.67 16.14
CA PHE A 109 -6.04 -6.88 17.05
C PHE A 109 -6.47 -5.44 17.19
N ALA A 110 -7.04 -4.83 16.15
CA ALA A 110 -7.34 -3.41 16.21
C ALA A 110 -8.10 -3.00 14.96
N VAL A 111 -8.51 -1.73 14.94
CA VAL A 111 -9.09 -1.10 13.77
C VAL A 111 -8.06 -1.03 12.66
N ILE A 112 -8.43 -1.46 11.46
CA ILE A 112 -7.52 -1.42 10.32
C ILE A 112 -8.12 -0.57 9.23
N GLU A 113 -7.25 0.14 8.51
CA GLU A 113 -7.59 0.82 7.27
C GLU A 113 -6.86 0.09 6.14
N ARG A 114 -7.63 -0.58 5.28
CA ARG A 114 -7.09 -1.16 4.05
C ARG A 114 -6.57 -0.05 3.15
N ALA A 115 -5.25 0.07 3.00
CA ALA A 115 -4.65 1.11 2.19
C ALA A 115 -4.42 0.65 0.76
N SER A 116 -4.08 -0.62 0.57
CA SER A 116 -3.95 -1.21 -0.75
C SER A 116 -4.21 -2.71 -0.60
N ILE A 117 -4.02 -3.46 -1.68
CA ILE A 117 -4.29 -4.88 -1.62
C ILE A 117 -3.40 -5.58 -0.62
N ASP A 118 -2.24 -5.00 -0.28
CA ASP A 118 -1.27 -5.71 0.53
C ASP A 118 -0.78 -4.94 1.75
N GLU A 119 -1.42 -3.84 2.13
CA GLU A 119 -1.04 -3.16 3.35
C GLU A 119 -2.25 -2.49 3.99
N ALA A 120 -2.14 -2.30 5.31
CA ALA A 120 -3.21 -1.76 6.11
C ALA A 120 -2.63 -0.96 7.27
N TYR A 121 -3.19 0.22 7.51
CA TYR A 121 -2.82 0.98 8.69
C TYR A 121 -3.58 0.46 9.90
N VAL A 122 -2.93 0.53 11.05
CA VAL A 122 -3.48 0.04 12.31
C VAL A 122 -3.38 1.14 13.35
N ASP A 123 -4.48 1.40 14.06
CA ASP A 123 -4.47 2.31 15.21
C ASP A 123 -4.42 1.48 16.47
N LEU A 124 -3.27 1.48 17.14
CA LEU A 124 -3.02 0.65 18.31
C LEU A 124 -3.18 1.41 19.61
N THR A 125 -3.60 2.68 19.57
CA THR A 125 -3.62 3.52 20.76
C THR A 125 -4.37 2.84 21.91
N SER A 126 -5.55 2.29 21.64
CA SER A 126 -6.35 1.66 22.69
C SER A 126 -5.77 0.32 23.12
N ALA A 127 -5.35 -0.50 22.15
CA ALA A 127 -4.73 -1.76 22.51
C ALA A 127 -3.51 -1.55 23.39
N VAL A 128 -2.74 -0.47 23.17
CA VAL A 128 -1.56 -0.21 23.97
C VAL A 128 -1.95 0.05 25.42
N GLN A 129 -2.96 0.90 25.63
CA GLN A 129 -3.46 1.10 26.99
C GLN A 129 -3.87 -0.21 27.63
N GLU A 130 -4.71 -0.99 26.96
CA GLU A 130 -5.08 -2.32 27.45
C GLU A 130 -3.85 -3.09 27.89
N ARG A 131 -2.86 -3.21 27.00
CA ARG A 131 -1.67 -3.96 27.35
C ARG A 131 -0.90 -3.32 28.49
N LEU A 132 -0.89 -1.98 28.56
CA LEU A 132 -0.09 -1.32 29.59
C LEU A 132 -0.60 -1.64 30.99
N GLN A 133 -1.91 -1.83 31.15
CA GLN A 133 -2.45 -2.14 32.47
C GLN A 133 -2.26 -3.61 32.83
N LYS A 134 -2.16 -4.49 31.83
CA LYS A 134 -1.64 -5.83 32.07
C LYS A 134 -0.13 -5.75 32.28
N LEU A 135 0.39 -6.60 33.16
CA LEU A 135 1.80 -6.57 33.54
C LEU A 135 2.22 -5.20 34.05
N GLN A 136 1.28 -4.38 34.49
CA GLN A 136 1.55 -3.01 34.89
C GLN A 136 2.83 -2.92 35.71
N GLY A 137 3.73 -2.02 35.29
CA GLY A 137 5.02 -1.86 35.92
C GLY A 137 6.06 -2.87 35.49
N GLN A 138 5.67 -3.98 34.87
CA GLN A 138 6.64 -4.99 34.46
C GLN A 138 7.48 -4.46 33.30
N PRO A 139 8.76 -4.80 33.24
CA PRO A 139 9.62 -4.28 32.18
C PRO A 139 9.44 -5.05 30.88
N ILE A 140 9.80 -4.38 29.79
CA ILE A 140 9.66 -4.95 28.45
C ILE A 140 10.98 -5.60 28.08
N SER A 141 10.96 -6.92 27.91
CA SER A 141 12.14 -7.70 27.56
C SER A 141 12.42 -7.61 26.07
N ALA A 142 13.71 -7.66 25.72
CA ALA A 142 14.10 -7.71 24.32
C ALA A 142 13.53 -8.95 23.61
N ASP A 143 13.11 -9.95 24.38
CA ASP A 143 12.55 -11.17 23.80
C ASP A 143 11.16 -10.94 23.24
N LEU A 144 10.49 -9.85 23.65
CA LEU A 144 9.20 -9.52 23.07
C LEU A 144 9.32 -8.77 21.75
N LEU A 145 10.52 -8.33 21.37
CA LEU A 145 10.73 -7.54 20.17
C LEU A 145 11.81 -8.18 19.30
N PRO A 146 11.60 -9.45 18.90
CA PRO A 146 12.69 -10.20 18.24
C PRO A 146 13.03 -9.71 16.85
N SER A 147 12.18 -8.93 16.18
CA SER A 147 12.48 -8.48 14.83
C SER A 147 12.35 -6.97 14.70
N THR A 148 12.44 -6.25 15.81
CA THR A 148 12.22 -4.80 15.83
C THR A 148 13.55 -4.05 15.76
N TYR A 149 13.60 -3.07 14.86
CA TYR A 149 14.68 -2.08 14.81
C TYR A 149 14.19 -0.78 15.44
N ILE A 150 15.10 -0.08 16.10
CA ILE A 150 14.83 1.25 16.64
C ILE A 150 15.60 2.24 15.78
N GLU A 151 14.88 2.99 14.95
CA GLU A 151 15.52 3.93 14.05
C GLU A 151 16.37 4.93 14.84
N GLY A 152 17.59 5.18 14.35
CA GLY A 152 18.52 6.07 15.00
C GLY A 152 19.44 5.42 16.00
N LEU A 153 19.19 4.18 16.39
CA LEU A 153 20.02 3.49 17.36
C LEU A 153 20.62 2.25 16.72
N PRO A 154 21.82 1.83 17.19
CA PRO A 154 22.60 2.42 18.27
C PRO A 154 23.32 3.72 17.89
N GLN A 155 23.70 4.50 18.90
CA GLN A 155 24.43 5.74 18.70
C GLN A 155 25.47 5.89 19.79
N GLY A 156 26.33 6.89 19.61
CA GLY A 156 27.31 7.27 20.61
C GLY A 156 28.36 6.21 20.84
N PRO A 157 29.06 6.29 21.96
CA PRO A 157 30.04 5.26 22.32
C PRO A 157 29.41 4.15 23.16
N THR A 158 30.19 3.09 23.35
CA THR A 158 29.72 1.91 24.06
C THR A 158 28.58 1.26 23.30
N GLU A 162 29.31 -8.75 16.89
CA GLU A 162 28.09 -7.96 17.08
C GLU A 162 28.06 -6.73 16.18
N THR A 163 28.97 -5.80 16.42
CA THR A 163 28.91 -4.48 15.82
C THR A 163 29.23 -4.47 14.32
N VAL A 164 29.52 -5.60 13.68
CA VAL A 164 29.80 -5.60 12.25
C VAL A 164 28.70 -6.24 11.41
N GLN A 165 27.86 -7.10 11.98
CA GLN A 165 26.74 -7.69 11.25
C GLN A 165 25.41 -7.14 11.73
N LYS A 166 24.39 -7.30 10.89
CA LYS A 166 23.17 -6.52 11.05
C LYS A 166 22.38 -6.94 12.28
N GLU A 167 22.25 -8.25 12.53
CA GLU A 167 21.52 -8.67 13.71
C GLU A 167 22.20 -8.17 14.97
N GLY A 168 23.54 -8.06 14.96
CA GLY A 168 24.22 -7.46 16.09
C GLY A 168 23.86 -5.99 16.26
N MET A 169 23.83 -5.24 15.15
CA MET A 169 23.42 -3.85 15.19
C MET A 169 22.01 -3.70 15.76
N ARG A 170 21.07 -4.50 15.25
CA ARG A 170 19.69 -4.41 15.72
C ARG A 170 19.60 -4.57 17.23
N LYS A 171 20.24 -5.61 17.76
CA LYS A 171 20.17 -5.88 19.20
C LYS A 171 20.75 -4.73 20.02
N GLN A 172 21.93 -4.24 19.66
CA GLN A 172 22.51 -3.11 20.37
C GLN A 172 21.54 -1.92 20.40
N GLY A 173 20.96 -1.60 19.25
CA GLY A 173 20.02 -0.50 19.20
C GLY A 173 18.81 -0.75 20.08
N LEU A 174 18.28 -1.97 20.03
CA LEU A 174 17.14 -2.31 20.88
C LEU A 174 17.51 -2.23 22.36
N PHE A 175 18.67 -2.78 22.73
CA PHE A 175 19.11 -2.71 24.13
C PHE A 175 19.23 -1.26 24.60
N GLN A 176 19.82 -0.39 23.76
CA GLN A 176 19.92 1.01 24.13
C GLN A 176 18.55 1.61 24.36
N TRP A 177 17.60 1.30 23.48
CA TRP A 177 16.24 1.80 23.64
C TRP A 177 15.61 1.29 24.93
N LEU A 178 15.71 -0.02 25.16
CA LEU A 178 15.07 -0.63 26.31
C LEU A 178 15.76 -0.26 27.62
N ASP A 179 17.09 -0.13 27.61
CA ASP A 179 17.78 0.37 28.80
C ASP A 179 17.30 1.77 29.17
N SER A 180 17.08 2.64 28.18
CA SER A 180 16.60 3.99 28.46
C SER A 180 15.14 4.02 28.86
N LEU A 181 14.35 3.04 28.44
N LEU A 181 14.37 3.02 28.42
CA LEU A 181 12.91 3.09 28.68
CA LEU A 181 12.97 2.91 28.84
C LEU A 181 12.58 3.10 30.16
C LEU A 181 12.86 2.64 30.34
N GLN A 182 11.69 4.02 30.57
N GLN A 182 13.37 1.49 30.77
CA GLN A 182 11.17 4.07 31.93
CA GLN A 182 13.21 1.06 32.16
C GLN A 182 9.78 3.45 31.94
C GLN A 182 13.90 1.99 33.15
N ILE A 183 9.70 2.19 32.34
N ILE A 183 14.82 2.85 32.68
CA ILE A 183 8.41 1.50 32.45
CA ILE A 183 15.49 3.81 33.56
C ILE A 183 7.45 2.30 33.33
C ILE A 183 14.76 5.15 33.63
N ASP A 184 7.98 3.03 34.31
N ASP A 184 13.62 5.27 32.97
CA ASP A 184 7.13 3.83 35.18
CA ASP A 184 12.82 6.50 32.96
C ASP A 184 6.49 4.98 34.40
C ASP A 184 13.49 7.63 32.18
N ASN A 185 5.31 5.40 34.87
N ASN A 185 14.45 7.30 31.31
CA ASN A 185 4.59 6.50 34.25
CA ASN A 185 15.12 8.30 30.49
C ASN A 185 4.09 6.11 32.87
C ASN A 185 14.34 8.62 29.21
N LEU A 186 2.87 5.60 32.80
N LEU A 186 13.26 7.92 28.91
CA LEU A 186 2.28 5.02 31.59
CA LEU A 186 12.41 8.19 27.76
C LEU A 186 1.93 6.03 30.52
C LEU A 186 11.09 8.76 28.24
N THR A 187 2.38 7.29 30.55
N THR A 187 10.21 9.05 27.28
CA THR A 187 2.03 8.26 29.51
CA THR A 187 8.93 9.70 27.54
C THR A 187 3.21 8.65 28.63
C THR A 187 7.80 8.68 27.55
N SER A 188 4.38 8.05 28.82
N SER A 188 6.62 9.14 27.96
CA SER A 188 5.51 8.30 27.94
CA SER A 188 5.45 8.26 27.95
C SER A 188 5.17 7.80 26.54
C SER A 188 5.07 7.81 26.55
N PRO A 189 5.06 8.67 25.53
CA PRO A 189 4.79 8.19 24.17
C PRO A 189 5.80 7.20 23.63
N ASP A 190 7.07 7.28 24.08
CA ASP A 190 8.04 6.28 23.67
C ASP A 190 7.69 4.91 24.23
N LEU A 191 7.26 4.85 25.50
CA LEU A 191 6.77 3.61 26.06
C LEU A 191 5.59 3.07 25.23
N GLN A 192 4.68 3.95 24.83
CA GLN A 192 3.50 3.50 24.08
C GLN A 192 3.90 2.87 22.75
N LEU A 193 4.78 3.54 22.00
CA LEU A 193 5.31 2.96 20.76
C LEU A 193 5.94 1.60 21.01
N THR A 194 6.72 1.47 22.07
CA THR A 194 7.33 0.18 22.38
C THR A 194 6.28 -0.90 22.57
N VAL A 195 5.23 -0.59 23.33
CA VAL A 195 4.15 -1.56 23.52
C VAL A 195 3.44 -1.82 22.21
N GLY A 196 3.16 -0.76 21.45
CA GLY A 196 2.64 -0.95 20.11
C GLY A 196 3.47 -1.95 19.31
N ALA A 197 4.80 -1.85 19.43
CA ALA A 197 5.69 -2.72 18.67
C ALA A 197 5.66 -4.15 19.16
N VAL A 198 5.40 -4.33 20.46
CA VAL A 198 5.19 -5.69 20.97
C VAL A 198 3.93 -6.28 20.34
N ILE A 199 2.87 -5.48 20.26
CA ILE A 199 1.63 -5.97 19.64
C ILE A 199 1.84 -6.26 18.16
N VAL A 200 2.59 -5.40 17.45
CA VAL A 200 2.81 -5.63 16.04
C VAL A 200 3.65 -6.88 15.80
N GLU A 201 4.56 -7.20 16.72
CA GLU A 201 5.24 -8.49 16.66
C GLU A 201 4.25 -9.65 16.73
N GLU A 202 3.27 -9.54 17.63
CA GLU A 202 2.27 -10.60 17.77
C GLU A 202 1.35 -10.65 16.56
N MET A 203 0.98 -9.49 16.03
CA MET A 203 0.19 -9.44 14.81
C MET A 203 0.92 -10.11 13.66
N ARG A 204 2.21 -9.78 13.50
CA ARG A 204 2.96 -10.34 12.37
C ARG A 204 3.19 -11.84 12.55
N ALA A 205 3.45 -12.29 13.78
CA ALA A 205 3.61 -13.71 14.01
C ALA A 205 2.32 -14.46 13.71
N ALA A 206 1.18 -13.85 14.04
CA ALA A 206 -0.11 -14.49 13.76
C ALA A 206 -0.39 -14.56 12.26
N ILE A 207 -0.07 -13.49 11.53
CA ILE A 207 -0.22 -13.51 10.08
C ILE A 207 0.60 -14.63 9.47
N GLU A 208 1.86 -14.76 9.90
CA GLU A 208 2.72 -15.78 9.32
C GLU A 208 2.28 -17.17 9.74
N ARG A 209 1.92 -17.35 11.01
CA ARG A 209 1.49 -18.66 11.46
C ARG A 209 0.25 -19.11 10.70
N GLU A 210 -0.65 -18.18 10.40
CA GLU A 210 -1.95 -18.54 9.89
C GLU A 210 -2.09 -18.39 8.37
N THR A 211 -1.14 -17.76 7.70
CA THR A 211 -1.17 -17.66 6.25
C THR A 211 0.11 -18.12 5.57
N GLY A 212 1.22 -18.21 6.30
CA GLY A 212 2.51 -18.44 5.67
C GLY A 212 3.14 -17.20 5.08
N PHE A 213 2.47 -16.05 5.09
CA PHE A 213 3.02 -14.83 4.51
C PHE A 213 3.81 -14.05 5.55
N GLN A 214 4.98 -13.58 5.14
CA GLN A 214 5.78 -12.67 5.93
C GLN A 214 5.49 -11.23 5.54
N CYS A 215 5.70 -10.32 6.48
CA CYS A 215 5.43 -8.92 6.24
C CYS A 215 6.39 -8.07 7.06
N SER A 216 6.42 -6.79 6.72
CA SER A 216 7.17 -5.78 7.46
C SER A 216 6.19 -4.77 8.02
N ALA A 217 6.62 -4.02 9.03
CA ALA A 217 5.76 -3.07 9.70
C ALA A 217 6.55 -1.86 10.13
N GLY A 218 5.87 -0.72 10.13
CA GLY A 218 6.36 0.48 10.79
C GLY A 218 5.45 0.82 11.94
N ILE A 219 6.04 1.28 13.04
CA ILE A 219 5.30 1.75 14.20
C ILE A 219 5.76 3.17 14.48
N SER A 220 4.81 4.10 14.58
CA SER A 220 5.12 5.47 14.92
C SER A 220 3.84 6.14 15.41
N HIS A 221 3.80 7.46 15.36
CA HIS A 221 2.69 8.22 15.91
C HIS A 221 1.68 8.67 14.87
N ASN A 222 1.92 8.38 13.60
CA ASN A 222 1.01 8.82 12.53
C ASN A 222 1.25 7.96 11.30
N LYS A 223 0.42 8.16 10.28
CA LYS A 223 0.41 7.25 9.14
C LYS A 223 1.65 7.43 8.27
N VAL A 224 2.08 8.67 8.07
CA VAL A 224 3.24 8.94 7.22
C VAL A 224 4.50 8.34 7.84
N LEU A 225 4.71 8.54 9.14
CA LEU A 225 5.91 8.01 9.75
C LEU A 225 5.86 6.49 9.85
N ALA A 226 4.68 5.93 10.05
CA ALA A 226 4.54 4.48 10.07
C ALA A 226 4.94 3.90 8.72
N LYS A 227 4.44 4.49 7.63
CA LYS A 227 4.78 3.97 6.31
C LYS A 227 6.25 4.16 5.99
N LEU A 228 6.81 5.32 6.35
CA LEU A 228 8.23 5.55 6.15
C LEU A 228 9.04 4.51 6.92
N ALA A 229 8.71 4.33 8.20
CA ALA A 229 9.43 3.39 9.04
C ALA A 229 9.37 1.97 8.47
N CYS A 230 8.23 1.60 7.89
CA CYS A 230 8.03 0.25 7.37
C CYS A 230 9.04 -0.09 6.30
N GLY A 231 9.44 0.88 5.50
CA GLY A 231 10.39 0.64 4.43
C GLY A 231 11.84 0.66 4.85
N LEU A 232 12.15 1.05 6.08
CA LEU A 232 13.55 1.23 6.45
C LEU A 232 14.26 -0.11 6.56
N ASN A 233 13.55 -1.18 6.94
CA ASN A 233 14.16 -2.49 7.20
C ASN A 233 13.27 -3.59 6.62
N LYS A 234 13.24 -3.68 5.38
CA LYS A 234 12.56 -4.78 4.73
C LYS A 234 13.58 -5.80 4.25
N PRO A 235 13.23 -7.10 4.20
CA PRO A 235 11.95 -7.73 4.48
C PRO A 235 11.86 -8.38 5.85
N ASN A 236 10.62 -8.73 6.24
CA ASN A 236 10.35 -9.52 7.43
C ASN A 236 10.92 -8.87 8.70
N ARG A 237 10.85 -7.54 8.77
CA ARG A 237 11.28 -6.82 9.96
C ARG A 237 10.35 -5.65 10.18
N GLN A 238 10.37 -5.14 11.41
CA GLN A 238 9.57 -3.97 11.77
C GLN A 238 10.44 -2.92 12.43
N THR A 239 10.09 -1.66 12.20
CA THR A 239 10.89 -0.53 12.64
C THR A 239 10.05 0.47 13.41
N LEU A 240 10.56 0.88 14.57
CA LEU A 240 9.95 1.88 15.43
C LEU A 240 10.61 3.22 15.16
N VAL A 241 9.82 4.19 14.71
CA VAL A 241 10.29 5.55 14.49
C VAL A 241 9.66 6.41 15.56
N SER A 242 10.45 6.77 16.56
CA SER A 242 9.97 7.59 17.66
C SER A 242 9.92 9.05 17.22
N HIS A 243 9.20 9.85 18.01
CA HIS A 243 9.12 11.28 17.71
C HIS A 243 10.51 11.91 17.72
N GLY A 244 11.37 11.49 18.67
CA GLY A 244 12.70 12.05 18.82
C GLY A 244 13.66 11.70 17.69
N SER A 245 13.39 10.64 16.95
CA SER A 245 14.27 10.27 15.85
C SER A 245 14.01 11.08 14.58
N VAL A 246 12.95 11.87 14.53
CA VAL A 246 12.52 12.54 13.30
C VAL A 246 13.57 13.54 12.80
N PRO A 247 14.12 14.42 13.65
CA PRO A 247 15.11 15.39 13.13
C PRO A 247 16.26 14.76 12.36
N GLN A 248 16.93 13.75 12.93
CA GLN A 248 18.02 13.12 12.18
C GLN A 248 17.49 12.37 10.97
N LEU A 249 16.38 11.63 11.15
CA LEU A 249 15.82 10.86 10.04
C LEU A 249 15.50 11.77 8.87
N PHE A 250 14.87 12.90 9.14
CA PHE A 250 14.46 13.80 8.08
C PHE A 250 15.61 14.64 7.53
N SER A 251 16.73 14.74 8.27
CA SER A 251 17.78 15.66 7.87
C SER A 251 18.39 15.27 6.53
N GLN A 252 18.30 13.98 6.17
CA GLN A 252 18.82 13.48 4.90
C GLN A 252 17.76 12.69 4.13
N MET A 253 16.49 12.82 4.49
CA MET A 253 15.44 12.09 3.82
C MET A 253 14.99 12.87 2.58
N PRO A 254 15.14 12.33 1.38
CA PRO A 254 14.60 13.00 0.19
C PRO A 254 13.09 13.26 0.34
N ILE A 255 12.69 14.45 -0.07
CA ILE A 255 11.30 14.85 0.06
C ILE A 255 10.37 13.87 -0.63
N ARG A 256 10.79 13.29 -1.77
CA ARG A 256 9.91 12.41 -2.53
C ARG A 256 9.59 11.10 -1.79
N LYS A 257 10.35 10.73 -0.77
CA LYS A 257 10.11 9.50 -0.03
C LYS A 257 8.91 9.58 0.91
N ILE A 258 8.43 10.78 1.23
CA ILE A 258 7.28 10.94 2.10
C ILE A 258 6.01 10.76 1.29
N ARG A 259 5.03 10.08 1.87
CA ARG A 259 3.81 9.75 1.15
C ARG A 259 3.04 11.00 0.77
N SER A 260 2.68 11.09 -0.51
CA SER A 260 1.96 12.18 -1.15
C SER A 260 2.91 13.23 -1.74
N LEU A 261 4.22 13.10 -1.52
CA LEU A 261 5.20 14.00 -2.12
C LEU A 261 6.04 13.32 -3.20
N GLY A 262 5.69 12.09 -3.59
CA GLY A 262 6.41 11.41 -4.66
C GLY A 262 6.09 11.89 -6.05
N GLY A 263 5.15 12.83 -6.21
CA GLY A 263 4.74 13.29 -7.51
C GLY A 263 4.96 14.78 -7.73
N LYS A 264 4.03 15.41 -8.45
CA LYS A 264 4.22 16.79 -8.90
C LYS A 264 4.38 17.76 -7.74
N LEU A 265 3.57 17.62 -6.69
CA LEU A 265 3.66 18.51 -5.54
C LEU A 265 5.06 18.48 -4.94
N GLY A 266 5.60 17.29 -4.71
CA GLY A 266 6.94 17.19 -4.14
C GLY A 266 8.00 17.83 -5.02
N ALA A 267 7.86 17.65 -6.33
CA ALA A 267 8.82 18.25 -7.26
C ALA A 267 8.77 19.77 -7.20
N SER A 268 7.59 20.33 -6.97
CA SER A 268 7.48 21.79 -6.90
C SER A 268 7.90 22.34 -5.55
N VAL A 269 7.80 21.54 -4.48
CA VAL A 269 8.41 21.93 -3.21
C VAL A 269 9.92 22.04 -3.37
N ILE A 270 10.53 21.04 -4.02
CA ILE A 270 11.96 21.07 -4.27
C ILE A 270 12.33 22.30 -5.09
N GLU A 271 11.58 22.53 -6.18
CA GLU A 271 11.96 23.57 -7.14
C GLU A 271 11.72 24.96 -6.57
N ILE A 272 10.60 25.16 -5.89
CA ILE A 272 10.23 26.50 -5.43
C ILE A 272 11.06 26.91 -4.21
N LEU A 273 11.31 25.98 -3.29
CA LEU A 273 12.03 26.34 -2.07
C LEU A 273 13.53 26.14 -2.18
N GLY A 274 14.01 25.46 -3.22
CA GLY A 274 15.43 25.21 -3.34
C GLY A 274 16.01 24.30 -2.27
N ILE A 275 15.28 23.25 -1.89
CA ILE A 275 15.70 22.31 -0.85
C ILE A 275 15.66 20.91 -1.41
N GLU A 276 16.32 19.99 -0.71
CA GLU A 276 16.38 18.57 -1.06
C GLU A 276 15.68 17.66 -0.06
N TYR A 277 15.74 17.97 1.24
CA TYR A 277 15.39 17.02 2.29
C TYR A 277 14.24 17.55 3.14
N MET A 278 13.45 16.61 3.68
CA MET A 278 12.27 16.98 4.46
C MET A 278 12.60 17.95 5.58
N GLY A 279 13.73 17.73 6.25
CA GLY A 279 14.07 18.55 7.40
C GLY A 279 14.21 20.02 7.07
N GLU A 280 14.63 20.33 5.84
CA GLU A 280 14.80 21.72 5.44
C GLU A 280 13.48 22.49 5.49
N LEU A 281 12.34 21.80 5.50
CA LEU A 281 11.06 22.50 5.51
C LEU A 281 10.81 23.25 6.82
N THR A 282 11.49 22.88 7.91
CA THR A 282 11.30 23.54 9.19
C THR A 282 11.71 25.00 9.17
N GLN A 283 12.55 25.41 8.22
CA GLN A 283 12.99 26.80 8.14
C GLN A 283 11.83 27.74 7.88
N PHE A 284 10.79 27.28 7.19
CA PHE A 284 9.74 28.16 6.68
C PHE A 284 8.58 28.29 7.67
N THR A 285 7.91 29.44 7.63
CA THR A 285 6.71 29.61 8.42
C THR A 285 5.54 28.92 7.74
N GLU A 286 4.55 28.54 8.55
CA GLU A 286 3.35 27.93 8.00
C GLU A 286 2.72 28.82 6.94
N SER A 287 2.61 30.12 7.21
CA SER A 287 2.04 31.05 6.23
C SER A 287 2.85 31.03 4.94
N GLN A 288 4.17 30.91 5.04
CA GLN A 288 5.00 30.83 3.83
C GLN A 288 4.67 29.58 3.03
N LEU A 289 4.49 28.44 3.70
CA LEU A 289 4.21 27.21 2.97
C LEU A 289 2.79 27.22 2.40
N GLN A 290 1.86 27.86 3.09
CA GLN A 290 0.51 27.98 2.56
C GLN A 290 0.48 28.84 1.31
N SER A 291 1.32 29.88 1.25
CA SER A 291 1.27 30.77 0.12
C SER A 291 1.78 30.09 -1.14
N HIS A 292 2.70 29.14 -0.98
CA HIS A 292 3.29 28.45 -2.13
C HIS A 292 2.47 27.28 -2.61
N PHE A 293 1.79 26.59 -1.69
CA PHE A 293 1.20 25.29 -1.97
C PHE A 293 -0.26 25.19 -1.54
N GLY A 294 -0.87 26.24 -1.04
CA GLY A 294 -2.24 26.18 -0.58
C GLY A 294 -2.34 26.00 0.92
N GLU A 295 -3.49 26.40 1.46
CA GLU A 295 -3.73 26.37 2.89
C GLU A 295 -3.57 24.97 3.46
N LYS A 296 -4.16 23.97 2.79
CA LYS A 296 -4.17 22.61 3.31
C LYS A 296 -2.79 21.97 3.19
N ASN A 297 -2.17 22.07 2.00
CA ASN A 297 -0.83 21.53 1.83
C ASN A 297 0.16 22.21 2.75
N GLY A 298 0.07 23.53 2.87
CA GLY A 298 1.03 24.26 3.71
C GLY A 298 0.94 23.83 5.16
N SER A 299 -0.29 23.78 5.70
CA SER A 299 -0.49 23.32 7.06
C SER A 299 0.05 21.92 7.24
N TRP A 300 -0.23 21.04 6.27
CA TRP A 300 0.21 19.65 6.35
C TRP A 300 1.73 19.58 6.32
N LEU A 301 2.37 20.39 5.46
CA LEU A 301 3.82 20.36 5.34
C LEU A 301 4.48 20.94 6.58
N TYR A 302 3.93 22.03 7.12
CA TYR A 302 4.52 22.64 8.31
C TYR A 302 4.54 21.66 9.47
N ALA A 303 3.46 20.92 9.65
CA ALA A 303 3.40 19.93 10.72
C ALA A 303 4.21 18.68 10.37
N MET A 304 4.16 18.25 9.11
CA MET A 304 4.75 16.97 8.75
C MET A 304 6.27 17.00 8.86
N CYS A 305 6.90 18.11 8.46
CA CYS A 305 8.36 18.16 8.56
C CYS A 305 8.86 18.18 10.01
N ARG A 306 7.95 18.30 10.98
CA ARG A 306 8.25 18.16 12.39
C ARG A 306 7.78 16.83 12.96
N GLY A 307 7.34 15.89 12.12
CA GLY A 307 6.87 14.60 12.58
C GLY A 307 5.42 14.56 13.01
N ILE A 308 4.63 15.55 12.62
CA ILE A 308 3.25 15.69 13.08
C ILE A 308 2.33 15.62 11.87
N GLU A 309 1.33 14.74 11.95
CA GLU A 309 0.23 14.72 11.01
C GLU A 309 -0.98 14.06 11.69
N HIS A 310 -2.18 14.44 11.25
CA HIS A 310 -3.39 14.06 11.95
C HIS A 310 -4.35 13.23 11.09
N ASP A 311 -3.94 12.81 9.91
CA ASP A 311 -4.80 11.93 9.10
C ASP A 311 -5.15 10.70 9.95
N PRO A 312 -6.42 10.46 10.27
CA PRO A 312 -6.74 9.32 11.13
C PRO A 312 -6.76 7.99 10.38
N VAL A 313 -6.64 6.92 11.16
CA VAL A 313 -6.77 5.56 10.63
C VAL A 313 -8.27 5.33 10.47
N LYS A 314 -8.74 5.40 9.24
CA LYS A 314 -10.17 5.23 9.01
C LYS A 314 -10.55 3.77 9.22
N PRO A 315 -11.66 3.48 9.88
CA PRO A 315 -12.08 2.08 10.06
C PRO A 315 -12.74 1.57 8.79
N ARG A 316 -11.93 1.04 7.88
CA ARG A 316 -12.40 0.64 6.57
C ARG A 316 -11.57 -0.56 6.14
N GLN A 317 -12.13 -1.74 6.36
CA GLN A 317 -11.47 -2.99 5.99
C GLN A 317 -11.81 -3.45 4.58
N LEU A 318 -12.77 -2.82 3.93
CA LEU A 318 -13.20 -3.24 2.61
C LEU A 318 -12.92 -2.13 1.58
N PRO A 319 -12.66 -2.49 0.33
CA PRO A 319 -12.55 -1.46 -0.71
C PRO A 319 -13.86 -0.72 -0.92
N LYS A 320 -13.74 0.57 -1.26
CA LYS A 320 -14.91 1.41 -1.53
C LYS A 320 -15.48 1.17 -2.93
N THR A 321 -14.68 0.69 -3.86
CA THR A 321 -15.11 0.46 -5.23
C THR A 321 -14.66 -0.93 -5.65
N ILE A 322 -15.34 -1.45 -6.66
CA ILE A 322 -14.98 -2.73 -7.29
C ILE A 322 -14.91 -2.47 -8.79
N GLY A 323 -13.69 -2.56 -9.34
CA GLY A 323 -13.44 -2.10 -10.68
C GLY A 323 -12.78 -3.14 -11.58
N CYS A 324 -12.85 -2.89 -12.88
CA CYS A 324 -12.50 -3.88 -13.90
C CYS A 324 -12.04 -3.12 -15.13
N SER A 325 -10.80 -3.34 -15.57
CA SER A 325 -10.24 -2.54 -16.64
C SER A 325 -9.34 -3.39 -17.54
N LYS A 326 -9.19 -2.92 -18.78
CA LYS A 326 -8.25 -3.52 -19.71
C LYS A 326 -7.76 -2.46 -20.68
N ASN A 327 -6.46 -2.41 -20.87
CA ASN A 327 -5.86 -1.57 -21.91
C ASN A 327 -5.74 -2.36 -23.20
N PHE A 328 -5.85 -1.64 -24.32
CA PHE A 328 -5.70 -2.22 -25.65
C PHE A 328 -4.70 -1.37 -26.42
N PRO A 329 -3.41 -1.57 -26.17
CA PRO A 329 -2.40 -0.67 -26.74
C PRO A 329 -2.09 -0.99 -28.20
N GLY A 330 -1.42 -0.02 -28.83
CA GLY A 330 -0.90 -0.24 -30.17
C GLY A 330 -1.97 -0.68 -31.14
N LYS A 331 -1.67 -1.76 -31.86
CA LYS A 331 -2.55 -2.26 -32.92
C LYS A 331 -3.74 -3.04 -32.40
N THR A 332 -3.81 -3.31 -31.09
CA THR A 332 -4.94 -4.04 -30.54
C THR A 332 -6.11 -3.14 -30.18
N ALA A 333 -5.97 -1.83 -30.32
CA ALA A 333 -7.06 -0.90 -30.00
C ALA A 333 -8.35 -1.34 -30.67
N LEU A 334 -9.46 -1.13 -29.96
CA LEU A 334 -10.75 -1.61 -30.43
C LEU A 334 -11.32 -0.64 -31.49
N ALA A 335 -11.74 -1.21 -32.63
CA ALA A 335 -12.23 -0.42 -33.76
C ALA A 335 -13.65 -0.76 -34.19
N THR A 336 -14.05 -2.04 -34.15
CA THR A 336 -15.41 -2.35 -34.53
C THR A 336 -16.34 -2.27 -33.33
N ARG A 337 -17.64 -2.07 -33.61
CA ARG A 337 -18.65 -2.02 -32.56
C ARG A 337 -18.79 -3.38 -31.89
N GLU A 338 -18.79 -4.47 -32.66
CA GLU A 338 -18.87 -5.80 -32.06
C GLU A 338 -17.72 -6.06 -31.11
N GLN A 339 -16.57 -5.41 -31.33
CA GLN A 339 -15.43 -5.56 -30.44
C GLN A 339 -15.68 -4.88 -29.10
N VAL A 340 -16.09 -3.62 -29.12
CA VAL A 340 -16.35 -2.90 -27.89
C VAL A 340 -17.42 -3.62 -27.08
N GLN A 341 -18.46 -4.12 -27.76
CA GLN A 341 -19.54 -4.78 -27.05
C GLN A 341 -19.09 -6.10 -26.45
N TRP A 342 -18.18 -6.80 -27.12
CA TRP A 342 -17.71 -8.08 -26.59
C TRP A 342 -16.84 -7.87 -25.34
N TRP A 343 -15.94 -6.89 -25.37
CA TRP A 343 -15.07 -6.65 -24.23
C TRP A 343 -15.84 -6.03 -23.06
N LEU A 344 -16.72 -5.06 -23.34
CA LEU A 344 -17.61 -4.54 -22.30
C LEU A 344 -18.31 -5.68 -21.59
N LEU A 345 -18.72 -6.71 -22.35
CA LEU A 345 -19.38 -7.86 -21.74
C LEU A 345 -18.40 -8.68 -20.90
N GLN A 346 -17.18 -8.90 -21.40
CA GLN A 346 -16.18 -9.62 -20.62
C GLN A 346 -15.92 -8.92 -19.30
N LEU A 347 -15.69 -7.61 -19.35
CA LEU A 347 -15.50 -6.84 -18.13
C LEU A 347 -16.72 -6.94 -17.23
N ALA A 348 -17.91 -6.74 -17.81
CA ALA A 348 -19.14 -6.76 -17.02
C ALA A 348 -19.35 -8.11 -16.36
N GLN A 349 -18.91 -9.20 -17.01
CA GLN A 349 -19.11 -10.53 -16.43
C GLN A 349 -18.21 -10.77 -15.22
N GLU A 350 -16.93 -10.39 -15.33
CA GLU A 350 -16.07 -10.47 -14.16
C GLU A 350 -16.61 -9.58 -13.05
N LEU A 351 -17.07 -8.38 -13.40
CA LEU A 351 -17.59 -7.47 -12.40
C LEU A 351 -18.78 -8.08 -11.66
N GLU A 352 -19.69 -8.72 -12.41
CA GLU A 352 -20.87 -9.32 -11.79
C GLU A 352 -20.47 -10.40 -10.80
N GLU A 353 -19.55 -11.28 -11.19
CA GLU A 353 -19.09 -12.32 -10.27
C GLU A 353 -18.54 -11.71 -8.99
N ARG A 354 -17.70 -10.69 -9.13
CA ARG A 354 -17.10 -10.06 -7.95
C ARG A 354 -18.14 -9.32 -7.13
N LEU A 355 -19.10 -8.66 -7.80
CA LEU A 355 -20.15 -7.96 -7.06
C LEU A 355 -21.04 -8.92 -6.30
N THR A 356 -21.39 -10.06 -6.91
CA THR A 356 -22.23 -11.04 -6.23
C THR A 356 -21.52 -11.59 -5.01
N LYS A 357 -20.27 -12.00 -5.17
CA LYS A 357 -19.48 -12.42 -4.02
C LYS A 357 -19.46 -11.34 -2.95
N ASP A 358 -19.27 -10.08 -3.37
CA ASP A 358 -19.22 -8.97 -2.41
C ASP A 358 -20.51 -8.85 -1.63
N ARG A 359 -21.65 -8.90 -2.33
CA ARG A 359 -22.94 -8.76 -1.65
C ARG A 359 -23.16 -9.86 -0.63
N ASN A 360 -22.82 -11.11 -0.97
CA ASN A 360 -22.99 -12.20 -0.03
C ASN A 360 -22.05 -12.07 1.16
N ASP A 361 -20.79 -11.73 0.91
CA ASP A 361 -19.80 -11.64 1.99
C ASP A 361 -20.03 -10.44 2.90
N ASN A 362 -20.36 -9.29 2.34
CA ASN A 362 -20.25 -8.03 3.05
C ASN A 362 -21.57 -7.28 3.19
N ASP A 363 -22.68 -7.86 2.73
CA ASP A 363 -24.03 -7.32 2.97
C ASP A 363 -24.10 -5.85 2.55
N ARG A 364 -23.90 -5.64 1.25
CA ARG A 364 -23.97 -4.31 0.69
C ARG A 364 -24.11 -4.45 -0.83
N VAL A 365 -24.65 -3.40 -1.44
CA VAL A 365 -24.87 -3.37 -2.89
C VAL A 365 -24.30 -2.08 -3.43
N ALA A 366 -23.72 -2.15 -4.62
CA ALA A 366 -23.35 -0.94 -5.34
C ALA A 366 -24.58 -0.38 -6.04
N THR A 367 -24.59 0.93 -6.22
CA THR A 367 -25.70 1.61 -6.86
C THR A 367 -25.31 2.43 -8.08
N GLN A 368 -24.01 2.65 -8.33
CA GLN A 368 -23.57 3.45 -9.45
C GLN A 368 -22.52 2.70 -10.26
N LEU A 369 -22.67 2.73 -11.57
CA LEU A 369 -21.73 2.11 -12.50
C LEU A 369 -20.96 3.22 -13.19
N VAL A 370 -19.65 3.23 -13.00
CA VAL A 370 -18.78 4.21 -13.63
C VAL A 370 -18.14 3.55 -14.84
N VAL A 371 -18.24 4.22 -15.98
CA VAL A 371 -17.72 3.72 -17.24
C VAL A 371 -16.69 4.73 -17.73
N SER A 372 -15.50 4.24 -18.04
CA SER A 372 -14.42 5.08 -18.54
C SER A 372 -13.77 4.39 -19.72
N ILE A 373 -13.30 5.22 -20.66
CA ILE A 373 -12.62 4.75 -21.85
C ILE A 373 -11.50 5.72 -22.17
N ARG A 374 -10.60 5.27 -23.04
CA ARG A 374 -9.53 6.10 -23.59
C ARG A 374 -9.51 5.91 -25.09
N VAL A 375 -9.30 7.02 -25.82
CA VAL A 375 -9.23 6.97 -27.27
C VAL A 375 -7.76 6.99 -27.67
N GLN A 376 -7.47 6.38 -28.81
CA GLN A 376 -6.12 6.33 -29.34
C GLN A 376 -5.65 7.74 -29.69
N GLY A 377 -4.55 8.17 -29.08
CA GLY A 377 -4.02 9.49 -29.32
C GLY A 377 -4.30 10.50 -28.23
N ASP A 378 -4.80 10.07 -27.07
CA ASP A 378 -5.06 10.96 -25.94
C ASP A 378 -3.91 10.84 -24.94
N LYS A 379 -3.35 11.99 -24.54
CA LYS A 379 -2.24 11.99 -23.59
C LYS A 379 -2.70 11.53 -22.22
N ARG A 380 -3.93 11.88 -21.83
CA ARG A 380 -4.43 11.58 -20.50
C ARG A 380 -4.77 10.10 -20.38
N LEU A 381 -4.73 9.61 -19.14
CA LEU A 381 -5.05 8.21 -18.89
C LEU A 381 -6.53 7.92 -19.10
N SER A 382 -7.38 8.94 -19.07
CA SER A 382 -8.81 8.79 -19.26
C SER A 382 -9.30 9.90 -20.18
N SER A 383 -10.13 9.53 -21.15
CA SER A 383 -10.70 10.48 -22.11
C SER A 383 -12.14 10.81 -21.82
N LEU A 384 -12.84 9.98 -21.04
CA LEU A 384 -14.24 10.21 -20.73
C LEU A 384 -14.68 9.29 -19.61
N ARG A 385 -15.17 9.86 -18.51
CA ARG A 385 -15.77 9.13 -17.42
C ARG A 385 -17.24 9.50 -17.35
N ARG A 386 -18.10 8.49 -17.21
CA ARG A 386 -19.54 8.70 -17.20
C ARG A 386 -20.19 7.77 -16.19
N CYS A 387 -21.19 8.29 -15.49
CA CYS A 387 -21.95 7.53 -14.50
C CYS A 387 -23.29 7.08 -15.07
N CYS A 388 -23.80 5.99 -14.49
CA CYS A 388 -25.14 5.53 -14.76
C CYS A 388 -25.58 4.66 -13.59
N ALA A 389 -26.90 4.44 -13.48
CA ALA A 389 -27.43 3.70 -12.34
C ALA A 389 -27.07 2.23 -12.45
N LEU A 390 -26.82 1.61 -11.30
CA LEU A 390 -26.51 0.18 -11.23
C LEU A 390 -27.61 -0.48 -10.40
N THR A 391 -28.61 -1.02 -11.08
CA THR A 391 -29.83 -1.50 -10.42
C THR A 391 -29.88 -3.01 -10.25
N ARG A 392 -29.24 -3.76 -11.14
CA ARG A 392 -29.14 -5.19 -10.97
C ARG A 392 -27.75 -5.65 -11.36
N TYR A 393 -27.28 -6.66 -10.62
CA TYR A 393 -26.01 -7.35 -10.89
C TYR A 393 -26.21 -8.30 -12.08
N ASP A 394 -26.41 -7.69 -13.25
CA ASP A 394 -26.63 -8.43 -14.48
C ASP A 394 -25.60 -7.97 -15.50
N ALA A 395 -24.76 -8.91 -15.94
CA ALA A 395 -23.65 -8.57 -16.84
C ALA A 395 -24.17 -7.94 -18.13
N HIS A 396 -25.21 -8.53 -18.73
CA HIS A 396 -25.67 -8.04 -20.02
C HIS A 396 -26.24 -6.62 -19.91
N LYS A 397 -26.98 -6.34 -18.84
CA LYS A 397 -27.48 -4.98 -18.65
C LYS A 397 -26.33 -3.99 -18.47
N MET A 398 -25.43 -4.26 -17.53
CA MET A 398 -24.31 -3.36 -17.31
C MET A 398 -23.52 -3.09 -18.59
N SER A 399 -23.30 -4.13 -19.40
CA SER A 399 -22.54 -3.94 -20.64
C SER A 399 -23.35 -3.12 -21.65
N HIS A 400 -24.66 -3.37 -21.75
CA HIS A 400 -25.49 -2.52 -22.59
C HIS A 400 -25.50 -1.08 -22.08
N ASP A 401 -25.69 -0.89 -20.78
CA ASP A 401 -25.67 0.47 -20.23
C ASP A 401 -24.32 1.14 -20.47
N ALA A 402 -23.22 0.43 -20.27
CA ALA A 402 -21.90 1.00 -20.54
C ALA A 402 -21.79 1.43 -21.99
N PHE A 403 -22.33 0.61 -22.90
CA PHE A 403 -22.33 0.97 -24.31
C PHE A 403 -23.22 2.19 -24.57
N THR A 404 -24.42 2.19 -23.98
CA THR A 404 -25.32 3.31 -24.16
C THR A 404 -24.63 4.64 -23.84
N VAL A 405 -23.81 4.67 -22.79
CA VAL A 405 -23.24 5.94 -22.32
C VAL A 405 -21.93 6.29 -23.03
N ILE A 406 -21.33 5.37 -23.77
CA ILE A 406 -20.15 5.69 -24.58
C ILE A 406 -20.46 5.72 -26.07
N LYS A 407 -21.57 5.11 -26.53
CA LYS A 407 -21.82 4.99 -27.96
C LYS A 407 -21.74 6.34 -28.67
N ASN A 408 -22.00 7.44 -27.96
CA ASN A 408 -21.88 8.77 -28.55
C ASN A 408 -20.44 9.21 -28.74
N MET A 409 -19.46 8.39 -28.40
CA MET A 409 -18.06 8.74 -28.66
C MET A 409 -17.63 8.35 -30.06
N ASN A 410 -18.29 7.35 -30.64
CA ASN A 410 -18.01 6.94 -32.01
C ASN A 410 -18.31 8.07 -32.99
N THR A 411 -17.30 8.48 -33.77
CA THR A 411 -17.42 9.58 -34.73
C THR A 411 -17.37 9.09 -36.17
N SER A 412 -17.96 7.93 -36.44
CA SER A 412 -17.90 7.31 -37.77
C SER A 412 -19.29 6.93 -38.24
N GLY A 413 -19.39 6.69 -39.55
CA GLY A 413 -20.66 6.37 -40.16
C GLY A 413 -20.87 4.89 -40.39
N ILE A 414 -19.81 4.19 -40.79
CA ILE A 414 -19.92 2.77 -41.11
C ILE A 414 -20.65 2.06 -39.98
N GLN A 415 -21.53 1.12 -40.35
CA GLN A 415 -22.34 0.40 -39.38
C GLN A 415 -21.48 -0.27 -38.30
N THR A 416 -20.54 -1.10 -38.72
CA THR A 416 -19.82 -1.99 -37.80
C THR A 416 -18.46 -1.43 -37.39
N GLU A 417 -18.29 -0.11 -37.41
CA GLU A 417 -16.98 0.51 -37.17
C GLU A 417 -17.05 1.50 -36.01
N TRP A 418 -16.04 1.45 -35.15
CA TRP A 418 -15.83 2.42 -34.09
C TRP A 418 -14.57 3.23 -34.40
N SER A 419 -14.67 4.55 -34.27
CA SER A 419 -13.55 5.43 -34.50
C SER A 419 -13.78 6.66 -33.65
N PRO A 420 -12.75 7.19 -32.98
CA PRO A 420 -11.38 6.67 -32.93
C PRO A 420 -11.30 5.37 -32.13
N PRO A 421 -10.30 4.53 -32.38
CA PRO A 421 -10.22 3.26 -31.66
C PRO A 421 -10.00 3.46 -30.18
N LEU A 422 -10.52 2.53 -29.38
CA LEU A 422 -10.47 2.60 -27.93
C LEU A 422 -9.27 1.84 -27.39
N THR A 423 -8.39 2.55 -26.69
CA THR A 423 -7.22 1.95 -26.07
C THR A 423 -7.45 1.54 -24.62
N MET A 424 -8.67 1.71 -24.09
CA MET A 424 -8.95 1.37 -22.70
C MET A 424 -10.44 1.33 -22.42
N LEU A 425 -10.89 0.25 -21.76
CA LEU A 425 -12.22 0.16 -21.18
C LEU A 425 -12.09 -0.01 -19.68
N PHE A 426 -13.03 0.56 -18.93
CA PHE A 426 -12.97 0.51 -17.47
C PHE A 426 -14.38 0.60 -16.91
N LEU A 427 -14.84 -0.45 -16.24
CA LEU A 427 -16.10 -0.45 -15.51
C LEU A 427 -15.81 -0.48 -14.02
N CYS A 428 -16.57 0.30 -13.24
CA CYS A 428 -16.32 0.41 -11.81
C CYS A 428 -17.64 0.57 -11.06
N ALA A 429 -17.89 -0.33 -10.13
CA ALA A 429 -19.06 -0.24 -9.27
C ALA A 429 -18.70 0.54 -8.01
N THR A 430 -19.55 1.49 -7.65
CA THR A 430 -19.27 2.32 -6.48
C THR A 430 -20.59 2.69 -5.82
N LYS A 431 -20.52 3.62 -4.86
CA LYS A 431 -21.69 4.04 -4.10
C LYS A 431 -22.40 2.85 -3.47
N PHE A 432 -21.67 2.16 -2.59
CA PHE A 432 -22.22 1.02 -1.88
C PHE A 432 -23.17 1.47 -0.79
N SER A 433 -24.22 0.66 -0.57
CA SER A 433 -25.18 0.90 0.49
C SER A 433 -25.51 -0.42 1.17
N ALA A 434 -25.79 -0.35 2.47
CA ALA A 434 -26.07 -1.54 3.25
C ALA A 434 -27.27 -2.30 2.68
N SER A 435 -27.31 -3.60 2.97
CA SER A 435 -28.42 -4.45 2.54
C SER A 435 -28.35 -5.83 3.17
#